data_6CNY
#
_entry.id   6CNY
#
_cell.length_a   64.120
_cell.length_b   80.570
_cell.length_c   64.110
_cell.angle_alpha   90.000
_cell.angle_beta   90.020
_cell.angle_gamma   90.000
#
_symmetry.space_group_name_H-M   'P 1 21 1'
#
loop_
_entity.id
_entity.type
_entity.pdbx_description
1 polymer 'Vivid PAS protein VVD'
2 non-polymer 'FLAVIN MONONUCLEOTIDE'
3 water water
#
_entity_poly.entity_id   1
_entity_poly.type   'polypeptide(L)'
_entity_poly.pdbx_seq_one_letter_code
;MHTLYAPGGYDIMGYLIQIMNRPNPQVELGPVDTS(CSX)ALILCDLKQKDTPIVYASEAFLYMTGYSNAEVLGRNCRFL
QSPDGMVKPKSTRKYVDSNTINTMRKAIDRNAEVQVEVVNFKKNGQRFVNFLTMIPVRDETGEYRYSMGFQCETE
;
_entity_poly.pdbx_strand_id   A,B,C,D
#
loop_
_chem_comp.id
_chem_comp.type
_chem_comp.name
_chem_comp.formula
FMN non-polymer 'FLAVIN MONONUCLEOTIDE' 'C17 H21 N4 O9 P'
#
# COMPACT_ATOMS: atom_id res chain seq x y z
N THR A 3 -3.85 -1.51 -0.79
CA THR A 3 -3.95 -2.21 0.53
C THR A 3 -3.92 -1.26 1.73
N LEU A 4 -4.77 -1.54 2.74
CA LEU A 4 -4.76 -0.75 3.99
C LEU A 4 -3.97 -1.43 5.04
N TYR A 5 -3.33 -0.63 5.88
CA TYR A 5 -2.53 -1.13 6.98
C TYR A 5 -3.09 -0.57 8.28
N ALA A 6 -3.12 -1.40 9.32
CA ALA A 6 -3.71 -0.99 10.61
C ALA A 6 -2.86 0.17 11.16
N PRO A 7 -3.52 1.28 11.57
CA PRO A 7 -2.78 2.39 12.19
C PRO A 7 -2.11 1.93 13.48
N GLY A 8 -0.87 2.32 13.71
CA GLY A 8 -0.15 1.77 14.86
C GLY A 8 0.17 0.25 14.85
N GLY A 9 -0.14 -0.48 13.77
CA GLY A 9 0.49 -1.76 13.48
C GLY A 9 -0.27 -2.99 13.97
N TYR A 10 0.42 -4.13 13.85
CA TYR A 10 -0.16 -5.45 14.01
C TYR A 10 0.43 -6.07 15.29
N ASP A 11 -0.34 -6.91 15.97
CA ASP A 11 0.11 -7.56 17.21
C ASP A 11 0.95 -8.80 16.90
N ILE A 12 2.10 -8.58 16.29
CA ILE A 12 2.97 -9.65 15.81
C ILE A 12 3.40 -10.53 16.97
N MET A 13 3.76 -9.94 18.12
CA MET A 13 4.17 -10.76 19.26
C MET A 13 3.01 -11.60 19.80
N GLY A 14 1.85 -10.98 19.89
CA GLY A 14 0.68 -11.72 20.34
C GLY A 14 0.32 -12.85 19.43
N TYR A 15 0.52 -12.67 18.12
CA TYR A 15 0.24 -13.73 17.15
C TYR A 15 1.28 -14.83 17.22
N LEU A 16 2.55 -14.48 17.46
CA LEU A 16 3.58 -15.52 17.69
C LEU A 16 3.26 -16.39 18.89
N ILE A 17 2.79 -15.76 19.97
CA ILE A 17 2.41 -16.49 21.16
C ILE A 17 1.19 -17.36 20.88
N GLN A 18 0.23 -16.83 20.15
CA GLN A 18 -0.96 -17.62 19.77
C GLN A 18 -0.53 -18.87 19.02
N ILE A 19 0.41 -18.69 18.09
CA ILE A 19 0.90 -19.78 17.26
C ILE A 19 1.63 -20.81 18.08
N MET A 20 2.51 -20.36 18.97
CA MET A 20 3.28 -21.28 19.79
C MET A 20 2.41 -22.04 20.76
N ASN A 21 1.27 -21.44 21.15
CA ASN A 21 0.33 -22.06 22.08
C ASN A 21 -0.77 -22.86 21.40
N ARG A 22 -0.82 -22.89 20.05
CA ARG A 22 -1.96 -23.50 19.37
C ARG A 22 -2.08 -24.99 19.75
N PRO A 23 -3.31 -25.41 20.10
CA PRO A 23 -3.54 -26.70 20.78
C PRO A 23 -3.27 -27.95 19.93
N ASN A 24 -3.46 -27.90 18.63
CA ASN A 24 -3.19 -29.08 17.81
C ASN A 24 -2.33 -28.77 16.60
N PRO A 25 -1.02 -28.53 16.85
CA PRO A 25 -0.11 -28.19 15.77
C PRO A 25 -0.02 -29.33 14.76
N GLN A 26 -0.28 -29.00 13.51
CA GLN A 26 -0.19 -29.94 12.41
C GLN A 26 1.20 -29.99 11.78
N VAL A 27 1.92 -28.86 11.82
CA VAL A 27 3.32 -28.81 11.33
C VAL A 27 4.28 -28.53 12.49
N GLU A 28 5.53 -28.95 12.31
CA GLU A 28 6.59 -28.74 13.29
C GLU A 28 7.28 -27.43 12.91
N LEU A 29 6.96 -26.39 13.65
CA LEU A 29 7.56 -25.08 13.45
C LEU A 29 8.69 -24.84 14.47
N GLY A 30 8.49 -25.31 15.69
CA GLY A 30 9.42 -25.05 16.80
C GLY A 30 9.23 -23.63 17.35
N PRO A 31 10.06 -23.23 18.33
CA PRO A 31 9.95 -21.85 18.80
C PRO A 31 10.38 -20.83 17.73
N VAL A 32 9.64 -19.71 17.67
CA VAL A 32 9.91 -18.62 16.73
C VAL A 32 9.82 -17.28 17.45
N ASP A 33 10.45 -16.26 16.87
CA ASP A 33 10.36 -14.90 17.43
C ASP A 33 10.44 -13.82 16.34
N THR A 34 10.50 -12.54 16.74
CA THR A 34 10.49 -11.44 15.76
C THR A 34 11.82 -11.27 15.03
N SER A 35 12.88 -11.92 15.50
CA SER A 35 14.18 -11.90 14.80
C SER A 35 14.25 -12.79 13.53
N CSX A 36 13.21 -13.62 13.31
CA CSX A 36 13.01 -14.50 12.15
CB CSX A 36 11.83 -15.51 12.43
SG CSX A 36 12.32 -16.96 13.20
C CSX A 36 12.49 -13.75 10.97
O CSX A 36 11.87 -12.70 11.12
OD CSX A 36 12.09 -16.98 14.65
N ALA A 37 12.70 -14.34 9.77
CA ALA A 37 12.06 -13.85 8.55
C ALA A 37 10.61 -14.25 8.64
N LEU A 38 9.75 -13.26 8.80
CA LEU A 38 8.34 -13.54 8.81
C LEU A 38 7.53 -12.43 8.15
N ILE A 39 6.32 -12.78 7.73
CA ILE A 39 5.41 -11.82 7.21
C ILE A 39 4.04 -12.15 7.70
N LEU A 40 3.19 -11.12 7.74
CA LEU A 40 1.78 -11.32 8.04
C LEU A 40 1.02 -10.83 6.85
N CYS A 41 0.05 -11.62 6.39
CA CYS A 41 -0.81 -11.29 5.25
C CYS A 41 -2.24 -11.20 5.72
N ASP A 42 -3.01 -10.31 5.09
CA ASP A 42 -4.40 -10.09 5.51
C ASP A 42 -5.32 -10.92 4.62
N LEU A 43 -5.98 -11.90 5.21
CA LEU A 43 -6.85 -12.81 4.45
C LEU A 43 -8.15 -12.14 3.94
N LYS A 44 -8.54 -11.02 4.56
CA LYS A 44 -9.76 -10.30 4.21
C LYS A 44 -9.52 -9.05 3.38
N GLN A 45 -8.34 -8.90 2.80
CA GLN A 45 -8.14 -7.94 1.74
C GLN A 45 -7.83 -8.70 0.46
N LYS A 46 -8.11 -8.06 -0.65
CA LYS A 46 -8.04 -8.68 -1.97
C LYS A 46 -6.63 -9.20 -2.29
N ASP A 47 -6.57 -10.50 -2.61
CA ASP A 47 -5.37 -11.21 -2.97
C ASP A 47 -4.30 -11.35 -1.85
N THR A 48 -4.78 -11.38 -0.60
CA THR A 48 -4.01 -11.74 0.57
C THR A 48 -2.67 -10.99 0.67
N PRO A 49 -2.73 -9.64 0.78
CA PRO A 49 -1.53 -8.82 0.70
C PRO A 49 -0.70 -8.87 1.99
N ILE A 50 0.59 -8.69 1.81
CA ILE A 50 1.51 -8.56 2.91
C ILE A 50 1.16 -7.28 3.63
N VAL A 51 0.88 -7.38 4.92
CA VAL A 51 0.65 -6.19 5.74
C VAL A 51 1.77 -5.93 6.74
N TYR A 52 2.68 -6.89 6.93
CA TYR A 52 3.81 -6.73 7.82
C TYR A 52 4.92 -7.64 7.34
N ALA A 53 6.15 -7.12 7.29
CA ALA A 53 7.34 -7.90 6.96
C ALA A 53 8.42 -7.59 8.00
N SER A 54 9.03 -8.64 8.57
CA SER A 54 10.10 -8.42 9.56
C SER A 54 11.35 -7.96 8.81
N GLU A 55 12.23 -7.33 9.57
CA GLU A 55 13.52 -6.88 9.02
C GLU A 55 14.27 -8.02 8.36
N ALA A 56 14.27 -9.19 9.01
CA ALA A 56 14.96 -10.36 8.50
C ALA A 56 14.39 -10.84 7.16
N PHE A 57 13.07 -10.74 6.97
CA PHE A 57 12.49 -11.05 5.65
C PHE A 57 12.99 -10.09 4.56
N LEU A 58 13.03 -8.80 4.88
CA LEU A 58 13.44 -7.78 3.94
C LEU A 58 14.90 -7.99 3.57
N TYR A 59 15.71 -8.36 4.56
CA TYR A 59 17.11 -8.60 4.33
C TYR A 59 17.35 -9.92 3.55
N MET A 60 16.65 -10.99 3.90
CA MET A 60 16.76 -12.28 3.15
C MET A 60 16.44 -12.06 1.66
N THR A 61 15.38 -11.31 1.36
CA THR A 61 14.90 -11.15 0.00
C THR A 61 15.54 -10.01 -0.80
N GLY A 62 16.16 -9.05 -0.10
CA GLY A 62 16.73 -7.86 -0.73
C GLY A 62 15.72 -6.78 -1.12
N TYR A 63 14.47 -6.93 -0.71
CA TYR A 63 13.43 -5.94 -0.98
C TYR A 63 13.28 -5.03 0.22
N SER A 64 12.86 -3.80 -0.07
CA SER A 64 12.49 -2.84 0.96
C SER A 64 11.02 -3.01 1.39
N ASN A 65 10.71 -2.41 2.53
CA ASN A 65 9.35 -2.42 3.06
C ASN A 65 8.37 -1.84 2.03
N ALA A 66 8.72 -0.71 1.43
CA ALA A 66 7.92 -0.08 0.37
C ALA A 66 7.71 -1.01 -0.84
N GLU A 67 8.70 -1.83 -1.15
CA GLU A 67 8.61 -2.77 -2.26
C GLU A 67 7.72 -3.98 -1.97
N VAL A 68 7.57 -4.37 -0.69
CA VAL A 68 6.86 -5.64 -0.38
C VAL A 68 5.43 -5.45 0.10
N LEU A 69 5.18 -4.40 0.89
CA LEU A 69 3.87 -4.23 1.51
C LEU A 69 2.81 -4.05 0.44
N GLY A 70 1.67 -4.71 0.63
CA GLY A 70 0.53 -4.55 -0.25
C GLY A 70 0.51 -5.53 -1.40
N ARG A 71 1.52 -6.38 -1.50
CA ARG A 71 1.64 -7.39 -2.58
C ARG A 71 1.40 -8.77 -2.01
N ASN A 72 0.81 -9.65 -2.81
CA ASN A 72 0.84 -11.08 -2.55
C ASN A 72 2.29 -11.54 -2.67
N CYS A 73 2.71 -12.43 -1.76
CA CYS A 73 4.10 -12.90 -1.71
C CYS A 73 4.53 -13.75 -2.90
N ARG A 74 3.62 -14.11 -3.81
CA ARG A 74 3.98 -14.89 -4.99
C ARG A 74 5.03 -14.23 -5.90
N PHE A 75 5.24 -12.91 -5.78
CA PHE A 75 6.27 -12.23 -6.55
C PHE A 75 7.68 -12.82 -6.35
N LEU A 76 7.92 -13.41 -5.18
CA LEU A 76 9.17 -14.11 -4.92
C LEU A 76 9.45 -15.33 -5.83
N GLN A 77 8.41 -15.82 -6.52
CA GLN A 77 8.55 -17.01 -7.34
C GLN A 77 9.19 -16.76 -8.71
N SER A 78 9.40 -15.50 -9.07
CA SER A 78 10.14 -15.12 -10.29
C SER A 78 11.31 -14.18 -10.04
N PRO A 79 12.41 -14.34 -10.80
CA PRO A 79 13.53 -13.41 -10.66
C PRO A 79 13.27 -12.02 -11.20
N ASP A 80 12.17 -11.82 -11.90
CA ASP A 80 11.62 -10.51 -12.29
C ASP A 80 10.76 -9.85 -11.21
N GLY A 81 10.37 -10.61 -10.18
CA GLY A 81 9.35 -10.16 -9.24
C GLY A 81 7.97 -9.95 -9.88
N MET A 82 7.67 -10.64 -10.98
CA MET A 82 6.40 -10.50 -11.70
C MET A 82 5.78 -11.86 -11.90
N VAL A 83 4.64 -12.10 -11.24
CA VAL A 83 3.95 -13.39 -11.24
C VAL A 83 2.43 -13.14 -11.17
N LYS A 84 1.71 -13.52 -12.22
CA LYS A 84 0.25 -13.39 -12.26
C LYS A 84 -0.37 -14.58 -11.52
N PRO A 85 -1.46 -14.36 -10.78
CA PRO A 85 -2.15 -15.52 -10.17
C PRO A 85 -2.74 -16.42 -11.26
N LYS A 86 -2.86 -17.71 -10.96
CA LYS A 86 -3.36 -18.70 -11.95
C LYS A 86 -2.40 -19.01 -13.12
N SER A 87 -1.32 -18.23 -13.26
CA SER A 87 -0.28 -18.47 -14.27
C SER A 87 0.43 -19.73 -13.88
N THR A 88 0.87 -20.50 -14.87
CA THR A 88 1.78 -21.61 -14.63
C THR A 88 3.18 -20.99 -14.32
N ARG A 89 3.78 -21.42 -13.21
CA ARG A 89 5.10 -20.97 -12.77
C ARG A 89 6.19 -21.67 -13.54
N LYS A 90 7.18 -20.92 -13.95
CA LYS A 90 8.36 -21.47 -14.56
C LYS A 90 9.23 -22.22 -13.57
N TYR A 91 9.33 -21.73 -12.32
CA TYR A 91 10.34 -22.19 -11.34
C TYR A 91 9.82 -22.94 -10.11
N VAL A 92 8.49 -23.07 -10.03
CA VAL A 92 7.82 -23.77 -8.97
C VAL A 92 6.85 -24.74 -9.58
N ASP A 93 6.79 -25.96 -9.08
CA ASP A 93 5.85 -26.94 -9.60
C ASP A 93 4.40 -26.62 -9.17
N SER A 94 3.47 -26.94 -10.04
CA SER A 94 2.05 -26.59 -9.84
C SER A 94 1.47 -27.13 -8.54
N ASN A 95 1.83 -28.35 -8.22
CA ASN A 95 1.28 -29.00 -7.04
C ASN A 95 1.64 -28.23 -5.78
N THR A 96 2.87 -27.76 -5.68
CA THR A 96 3.31 -26.95 -4.53
C THR A 96 2.53 -25.64 -4.44
N ILE A 97 2.38 -24.97 -5.57
CA ILE A 97 1.58 -23.75 -5.64
C ILE A 97 0.15 -24.02 -5.17
N ASN A 98 -0.44 -25.10 -5.68
CA ASN A 98 -1.85 -25.43 -5.38
C ASN A 98 -1.98 -25.84 -3.93
N THR A 99 -0.98 -26.54 -3.42
CA THR A 99 -0.94 -26.94 -2.00
C THR A 99 -0.99 -25.71 -1.12
N MET A 100 -0.17 -24.72 -1.42
CA MET A 100 -0.15 -23.47 -0.67
C MET A 100 -1.50 -22.74 -0.76
N ARG A 101 -2.04 -22.58 -1.98
CA ARG A 101 -3.26 -21.84 -2.13
C ARG A 101 -4.43 -22.48 -1.36
N LYS A 102 -4.53 -23.80 -1.47
CA LYS A 102 -5.63 -24.54 -0.87
C LYS A 102 -5.54 -24.49 0.64
N ALA A 103 -4.32 -24.64 1.16
CA ALA A 103 -4.08 -24.52 2.62
C ALA A 103 -4.52 -23.17 3.15
N ILE A 104 -4.07 -22.12 2.48
CA ILE A 104 -4.40 -20.77 2.88
C ILE A 104 -5.92 -20.54 2.84
N ASP A 105 -6.57 -20.97 1.76
CA ASP A 105 -8.04 -20.85 1.63
C ASP A 105 -8.81 -21.62 2.69
N ARG A 106 -8.30 -22.78 3.10
CA ARG A 106 -8.95 -23.61 4.13
C ARG A 106 -8.51 -23.28 5.57
N ASN A 107 -7.65 -22.27 5.77
CA ASN A 107 -7.05 -22.02 7.07
C ASN A 107 -6.40 -23.27 7.63
N ALA A 108 -5.67 -23.99 6.78
CA ALA A 108 -4.93 -25.16 7.19
C ALA A 108 -3.47 -24.79 7.21
N GLU A 109 -2.76 -25.29 8.22
CA GLU A 109 -1.31 -25.06 8.34
C GLU A 109 -0.65 -25.81 7.23
N VAL A 110 0.42 -25.26 6.67
CA VAL A 110 1.17 -25.95 5.63
C VAL A 110 2.65 -25.60 5.68
N GLN A 111 3.47 -26.49 5.16
CA GLN A 111 4.91 -26.31 5.13
C GLN A 111 5.38 -26.86 3.79
N VAL A 112 6.06 -26.04 3.02
CA VAL A 112 6.58 -26.42 1.71
C VAL A 112 8.01 -25.90 1.55
N GLU A 113 8.66 -26.39 0.52
CA GLU A 113 9.92 -25.89 0.05
C GLU A 113 9.69 -25.36 -1.33
N VAL A 114 10.11 -24.11 -1.56
CA VAL A 114 9.83 -23.44 -2.82
C VAL A 114 11.04 -22.68 -3.27
N VAL A 115 11.32 -22.71 -4.57
CA VAL A 115 12.36 -21.86 -5.16
C VAL A 115 11.83 -20.46 -5.24
N ASN A 116 12.62 -19.54 -4.70
CA ASN A 116 12.27 -18.12 -4.69
C ASN A 116 13.48 -17.35 -5.20
N PHE A 117 13.28 -16.07 -5.49
CA PHE A 117 14.34 -15.21 -6.00
C PHE A 117 14.41 -13.87 -5.28
N LYS A 118 15.64 -13.49 -4.93
CA LYS A 118 15.91 -12.18 -4.33
C LYS A 118 15.71 -11.08 -5.33
N LYS A 119 15.68 -9.83 -4.85
CA LYS A 119 15.47 -8.71 -5.76
C LYS A 119 16.53 -8.62 -6.85
N ASN A 120 17.76 -8.96 -6.51
CA ASN A 120 18.85 -9.02 -7.47
C ASN A 120 18.83 -10.23 -8.39
N GLY A 121 17.80 -11.08 -8.27
CA GLY A 121 17.63 -12.22 -9.17
C GLY A 121 18.25 -13.50 -8.63
N GLN A 122 19.01 -13.43 -7.52
CA GLN A 122 19.62 -14.61 -6.92
C GLN A 122 18.57 -15.60 -6.46
N ARG A 123 18.69 -16.81 -6.94
CA ARG A 123 17.83 -17.95 -6.60
C ARG A 123 18.14 -18.39 -5.18
N PHE A 124 17.12 -18.65 -4.38
CA PHE A 124 17.32 -19.33 -3.08
C PHE A 124 16.18 -20.31 -2.83
N VAL A 125 16.43 -21.31 -1.99
CA VAL A 125 15.39 -22.30 -1.62
C VAL A 125 14.79 -21.85 -0.29
N ASN A 126 13.46 -21.74 -0.27
CA ASN A 126 12.73 -21.14 0.84
C ASN A 126 11.97 -22.25 1.50
N PHE A 127 12.32 -22.56 2.75
CA PHE A 127 11.55 -23.52 3.54
C PHE A 127 10.49 -22.70 4.30
N LEU A 128 9.25 -22.82 3.82
CA LEU A 128 8.17 -21.89 4.11
C LEU A 128 7.08 -22.57 4.95
N THR A 129 6.71 -21.94 6.06
CA THR A 129 5.62 -22.42 6.92
C THR A 129 4.56 -21.31 7.02
N MET A 130 3.30 -21.65 6.80
CA MET A 130 2.23 -20.68 6.88
C MET A 130 1.23 -21.19 7.89
N ILE A 131 0.85 -20.31 8.84
CA ILE A 131 -0.08 -20.67 9.92
C ILE A 131 -1.15 -19.61 9.97
N PRO A 132 -2.44 -19.99 9.89
CA PRO A 132 -3.47 -18.94 10.08
C PRO A 132 -3.57 -18.45 11.51
N VAL A 133 -4.04 -17.21 11.66
CA VAL A 133 -3.99 -16.51 12.91
C VAL A 133 -5.35 -15.88 13.13
N ARG A 134 -5.87 -16.02 14.34
CA ARG A 134 -7.12 -15.40 14.74
C ARG A 134 -6.89 -14.01 15.28
N ASP A 135 -7.74 -13.05 14.89
CA ASP A 135 -7.70 -11.74 15.53
C ASP A 135 -8.56 -11.75 16.80
N GLU A 136 -8.82 -10.57 17.35
CA GLU A 136 -9.56 -10.40 18.57
C GLU A 136 -11.03 -10.87 18.50
N THR A 137 -11.59 -10.98 17.30
CA THR A 137 -12.92 -11.56 17.13
C THR A 137 -12.92 -13.09 17.36
N GLY A 138 -11.76 -13.74 17.21
CA GLY A 138 -11.67 -15.20 17.32
C GLY A 138 -11.81 -15.88 15.99
N GLU A 139 -12.02 -15.12 14.92
CA GLU A 139 -12.01 -15.68 13.59
C GLU A 139 -10.66 -15.48 12.91
N TYR A 140 -10.35 -16.38 12.01
CA TYR A 140 -9.15 -16.35 11.20
C TYR A 140 -9.18 -15.13 10.31
N ARG A 141 -8.21 -14.26 10.50
CA ARG A 141 -8.09 -12.99 9.83
C ARG A 141 -6.77 -12.85 9.05
N TYR A 142 -5.69 -13.41 9.56
CA TYR A 142 -4.36 -13.25 9.00
C TYR A 142 -3.73 -14.59 8.77
N SER A 143 -2.62 -14.56 8.02
CA SER A 143 -1.77 -15.75 7.90
C SER A 143 -0.39 -15.26 8.19
N MET A 144 0.33 -15.98 9.03
CA MET A 144 1.69 -15.64 9.32
C MET A 144 2.57 -16.67 8.63
N GLY A 145 3.52 -16.17 7.85
CA GLY A 145 4.46 -16.97 7.08
C GLY A 145 5.86 -16.84 7.63
N PHE A 146 6.57 -17.98 7.73
CA PHE A 146 7.93 -18.07 8.28
C PHE A 146 8.82 -18.60 7.19
N GLN A 147 9.83 -17.82 6.80
CA GLN A 147 10.70 -18.17 5.68
C GLN A 147 12.10 -18.51 6.20
N CYS A 148 12.70 -19.56 5.66
CA CYS A 148 14.05 -20.03 6.04
C CYS A 148 14.83 -20.47 4.80
N GLU A 149 16.10 -20.06 4.66
CA GLU A 149 16.83 -20.14 3.38
C GLU A 149 17.59 -21.44 2.99
N GLY B 8 2.77 2.32 27.69
CA GLY B 8 4.18 2.32 28.22
C GLY B 8 4.55 1.30 29.28
N GLY B 9 4.07 0.06 29.16
CA GLY B 9 4.35 -1.01 30.16
C GLY B 9 5.58 -1.87 29.88
N TYR B 10 5.82 -2.87 30.73
CA TYR B 10 6.85 -3.86 30.53
C TYR B 10 6.58 -4.69 29.27
N ASP B 11 7.64 -5.22 28.65
CA ASP B 11 7.49 -5.97 27.38
C ASP B 11 7.19 -7.44 27.72
N ILE B 12 6.02 -7.65 28.30
CA ILE B 12 5.65 -8.95 28.84
C ILE B 12 5.58 -9.98 27.72
N MET B 13 4.99 -9.60 26.59
CA MET B 13 4.90 -10.53 25.46
C MET B 13 6.29 -10.87 24.93
N GLY B 14 7.14 -9.86 24.81
CA GLY B 14 8.53 -10.11 24.38
C GLY B 14 9.26 -11.08 25.30
N TYR B 15 9.01 -10.94 26.59
CA TYR B 15 9.66 -11.82 27.57
C TYR B 15 9.08 -13.24 27.53
N LEU B 16 7.78 -13.38 27.29
CA LEU B 16 7.19 -14.70 27.08
C LEU B 16 7.78 -15.43 25.90
N ILE B 17 7.96 -14.70 24.80
CA ILE B 17 8.55 -15.26 23.62
C ILE B 17 10.00 -15.64 23.87
N GLN B 18 10.73 -14.79 24.59
CA GLN B 18 12.11 -15.09 24.94
C GLN B 18 12.19 -16.39 25.73
N ILE B 19 11.27 -16.55 26.66
CA ILE B 19 11.21 -17.74 27.50
C ILE B 19 10.89 -18.98 26.68
N MET B 20 9.89 -18.88 25.82
CA MET B 20 9.51 -20.03 25.01
C MET B 20 10.60 -20.42 24.02
N ASN B 21 11.44 -19.45 23.62
CA ASN B 21 12.54 -19.68 22.69
C ASN B 21 13.87 -20.00 23.36
N ARG B 22 13.94 -20.00 24.70
CA ARG B 22 15.22 -20.11 25.40
C ARG B 22 15.92 -21.41 25.03
N PRO B 23 17.23 -21.32 24.70
CA PRO B 23 17.97 -22.40 24.07
C PRO B 23 18.16 -23.67 24.90
N ASN B 24 18.25 -23.57 26.23
CA ASN B 24 18.46 -24.77 27.03
C ASN B 24 17.51 -24.87 28.19
N PRO B 25 16.23 -25.17 27.90
CA PRO B 25 15.23 -25.23 28.97
C PRO B 25 15.57 -26.33 29.95
N GLN B 26 15.65 -25.95 31.22
CA GLN B 26 15.93 -26.87 32.31
C GLN B 26 14.64 -27.42 32.93
N VAL B 27 13.55 -26.64 32.87
CA VAL B 27 12.24 -27.11 33.36
C VAL B 27 11.25 -27.19 32.20
N GLU B 28 10.24 -28.04 32.37
CA GLU B 28 9.16 -28.21 31.40
C GLU B 28 8.05 -27.24 31.81
N LEU B 29 7.96 -26.15 31.08
CA LEU B 29 6.96 -25.12 31.29
C LEU B 29 5.82 -25.28 30.28
N GLY B 30 6.15 -25.66 29.06
CA GLY B 30 5.18 -25.75 27.96
C GLY B 30 4.90 -24.36 27.38
N PRO B 31 3.98 -24.28 26.40
CA PRO B 31 3.61 -22.94 25.93
C PRO B 31 2.85 -22.13 27.01
N VAL B 32 3.15 -20.84 27.07
CA VAL B 32 2.49 -19.93 28.04
C VAL B 32 2.08 -18.63 27.35
N ASP B 33 1.13 -17.91 27.94
CA ASP B 33 0.71 -16.62 27.40
C ASP B 33 0.21 -15.65 28.48
N THR B 34 -0.33 -14.50 28.07
CA THR B 34 -0.77 -13.47 29.03
C THR B 34 -2.05 -13.82 29.78
N SER B 35 -2.79 -14.85 29.33
CA SER B 35 -3.96 -15.33 30.05
C SER B 35 -3.67 -16.17 31.32
N CSX B 36 -2.40 -16.52 31.52
CA CSX B 36 -1.87 -17.27 32.68
CB CSX B 36 -0.40 -17.74 32.40
SG CSX B 36 -0.32 -19.29 31.64
C CSX B 36 -1.66 -16.35 33.85
O CSX B 36 -1.46 -15.12 33.68
OD CSX B 36 -0.12 -19.22 30.15
N ALA B 37 -1.66 -16.93 35.06
CA ALA B 37 -1.22 -16.22 36.27
C ALA B 37 0.28 -16.07 36.17
N LEU B 38 0.72 -14.86 35.98
CA LEU B 38 2.15 -14.60 35.96
C LEU B 38 2.51 -13.27 36.60
N ILE B 39 3.76 -13.14 37.02
CA ILE B 39 4.27 -11.88 37.52
C ILE B 39 5.68 -11.71 37.03
N LEU B 40 6.10 -10.47 36.97
CA LEU B 40 7.48 -10.15 36.64
C LEU B 40 8.05 -9.39 37.82
N CYS B 41 9.23 -9.80 38.26
CA CYS B 41 9.92 -9.18 39.38
C CYS B 41 11.26 -8.66 38.93
N ASP B 42 11.69 -7.56 39.54
CA ASP B 42 12.90 -6.86 39.12
C ASP B 42 14.07 -7.28 39.98
N LEU B 43 15.02 -8.00 39.39
CA LEU B 43 16.18 -8.52 40.12
C LEU B 43 17.17 -7.43 40.58
N LYS B 44 17.13 -6.26 39.93
CA LYS B 44 18.05 -5.16 40.24
C LYS B 44 17.41 -4.05 41.06
N GLN B 45 16.25 -4.32 41.66
CA GLN B 45 15.75 -3.45 42.72
C GLN B 45 15.76 -4.26 44.00
N LYS B 46 15.84 -3.53 45.11
CA LYS B 46 16.04 -4.14 46.43
C LYS B 46 14.87 -5.10 46.78
N ASP B 47 15.25 -6.33 47.10
CA ASP B 47 14.34 -7.39 47.51
C ASP B 47 13.36 -7.90 46.41
N THR B 48 13.79 -7.80 45.16
CA THR B 48 13.16 -8.43 44.01
C THR B 48 11.64 -8.17 43.94
N PRO B 49 11.24 -6.90 43.80
CA PRO B 49 9.83 -6.52 43.84
C PRO B 49 9.06 -6.88 42.61
N ILE B 50 7.77 -7.16 42.79
CA ILE B 50 6.85 -7.37 41.70
C ILE B 50 6.72 -6.06 40.98
N VAL B 51 7.00 -6.07 39.68
CA VAL B 51 6.76 -4.89 38.83
C VAL B 51 5.61 -5.08 37.84
N TYR B 52 5.08 -6.30 37.71
CA TYR B 52 3.95 -6.57 36.83
C TYR B 52 3.24 -7.80 37.33
N ALA B 53 1.91 -7.76 37.36
CA ALA B 53 1.09 -8.93 37.71
C ALA B 53 -0.03 -9.06 36.69
N SER B 54 -0.24 -10.25 36.14
CA SER B 54 -1.31 -10.47 35.15
C SER B 54 -2.64 -10.48 35.89
N GLU B 55 -3.69 -10.23 35.13
CA GLU B 55 -5.06 -10.24 35.67
C GLU B 55 -5.36 -11.57 36.36
N ALA B 56 -4.94 -12.67 35.73
CA ALA B 56 -5.17 -13.99 36.29
C ALA B 56 -4.45 -14.20 37.64
N PHE B 57 -3.25 -13.63 37.80
CA PHE B 57 -2.58 -13.69 39.12
C PHE B 57 -3.37 -12.94 40.19
N LEU B 58 -3.83 -11.74 39.84
CA LEU B 58 -4.56 -10.90 40.78
C LEU B 58 -5.84 -11.61 41.21
N TYR B 59 -6.49 -12.24 40.24
CA TYR B 59 -7.71 -12.94 40.53
C TYR B 59 -7.49 -14.25 41.31
N MET B 60 -6.47 -15.03 40.94
CA MET B 60 -6.12 -16.27 41.69
C MET B 60 -5.84 -15.96 43.17
N THR B 61 -5.10 -14.87 43.43
CA THR B 61 -4.67 -14.54 44.79
C THR B 61 -5.64 -13.68 45.60
N GLY B 62 -6.57 -12.99 44.92
CA GLY B 62 -7.49 -12.08 45.57
C GLY B 62 -6.93 -10.71 45.91
N TYR B 63 -5.70 -10.42 45.48
CA TYR B 63 -5.09 -9.12 45.71
C TYR B 63 -5.28 -8.22 44.49
N SER B 64 -5.28 -6.92 44.76
CA SER B 64 -5.30 -5.91 43.71
C SER B 64 -3.89 -5.55 43.26
N ASN B 65 -3.84 -4.90 42.10
CA ASN B 65 -2.58 -4.41 41.53
C ASN B 65 -1.86 -3.51 42.55
N ALA B 66 -2.59 -2.57 43.15
CA ALA B 66 -2.06 -1.68 44.20
C ALA B 66 -1.50 -2.45 45.41
N GLU B 67 -2.14 -3.57 45.75
CA GLU B 67 -1.70 -4.38 46.87
C GLU B 67 -0.45 -5.20 46.58
N VAL B 68 -0.18 -5.53 45.31
CA VAL B 68 0.95 -6.44 45.01
C VAL B 68 2.20 -5.72 44.51
N LEU B 69 2.05 -4.67 43.72
CA LEU B 69 3.18 -4.02 43.10
C LEU B 69 4.15 -3.48 44.14
N GLY B 70 5.43 -3.70 43.92
CA GLY B 70 6.48 -3.19 44.79
C GLY B 70 6.84 -4.09 45.95
N ARG B 71 6.17 -5.24 46.09
CA ARG B 71 6.42 -6.20 47.17
C ARG B 71 7.13 -7.43 46.63
N ASN B 72 8.00 -8.02 47.44
CA ASN B 72 8.47 -9.39 47.21
C ASN B 72 7.29 -10.34 47.33
N CYS B 73 7.22 -11.34 46.43
CA CYS B 73 6.10 -12.27 46.40
C CYS B 73 5.99 -13.19 47.62
N ARG B 74 6.96 -13.18 48.52
CA ARG B 74 6.91 -14.01 49.73
C ARG B 74 5.70 -13.78 50.62
N PHE B 75 5.02 -12.65 50.50
CA PHE B 75 3.80 -12.38 51.27
C PHE B 75 2.70 -13.43 51.06
N LEU B 76 2.70 -14.08 49.90
CA LEU B 76 1.80 -15.22 49.65
C LEU B 76 2.01 -16.44 50.58
N GLN B 77 3.14 -16.51 51.28
CA GLN B 77 3.47 -17.65 52.13
C GLN B 77 2.79 -17.63 53.51
N SER B 78 2.11 -16.52 53.84
CA SER B 78 1.32 -16.44 55.08
C SER B 78 -0.13 -15.99 54.82
N PRO B 79 -1.10 -16.53 55.60
CA PRO B 79 -2.47 -16.09 55.45
C PRO B 79 -2.74 -14.69 56.00
N ASP B 80 -1.77 -14.09 56.71
CA ASP B 80 -1.87 -12.63 56.99
C ASP B 80 -1.18 -11.74 55.96
N GLY B 81 -0.55 -12.33 54.93
CA GLY B 81 0.23 -11.56 53.98
C GLY B 81 1.43 -10.84 54.57
N MET B 82 1.97 -11.37 55.67
CA MET B 82 3.09 -10.71 56.41
C MET B 82 4.17 -11.77 56.61
N VAL B 83 5.30 -11.58 55.92
CA VAL B 83 6.43 -12.52 55.92
C VAL B 83 7.73 -11.72 55.83
N LYS B 84 8.55 -11.78 56.88
CA LYS B 84 9.83 -11.07 56.93
C LYS B 84 10.86 -11.95 56.21
N PRO B 85 11.79 -11.35 55.45
CA PRO B 85 12.88 -12.15 54.88
C PRO B 85 13.77 -12.73 55.96
N LYS B 86 14.39 -13.88 55.69
CA LYS B 86 15.23 -14.57 56.69
C LYS B 86 14.44 -15.25 57.84
N SER B 87 13.14 -14.93 57.99
CA SER B 87 12.29 -15.54 59.00
C SER B 87 12.10 -16.99 58.62
N THR B 88 12.00 -17.86 59.61
CA THR B 88 11.56 -19.23 59.39
C THR B 88 10.03 -19.17 59.12
N ARG B 89 9.60 -19.79 58.02
CA ARG B 89 8.19 -19.84 57.64
C ARG B 89 7.44 -20.87 58.44
N LYS B 90 6.25 -20.49 58.89
CA LYS B 90 5.39 -21.40 59.61
C LYS B 90 4.78 -22.44 58.67
N TYR B 91 4.45 -22.07 57.43
CA TYR B 91 3.62 -22.92 56.51
C TYR B 91 4.32 -23.39 55.25
N VAL B 92 5.59 -23.03 55.10
CA VAL B 92 6.41 -23.50 53.98
C VAL B 92 7.69 -24.07 54.56
N ASP B 93 8.10 -25.22 54.06
CA ASP B 93 9.32 -25.87 54.54
C ASP B 93 10.55 -25.12 54.03
N SER B 94 11.59 -25.12 54.87
CA SER B 94 12.82 -24.37 54.59
C SER B 94 13.48 -24.75 53.29
N ASN B 95 13.47 -26.02 52.98
CA ASN B 95 14.18 -26.51 51.80
C ASN B 95 13.55 -25.88 50.53
N THR B 96 12.23 -25.81 50.48
CA THR B 96 11.54 -25.18 49.35
C THR B 96 11.90 -23.69 49.22
N ILE B 97 11.87 -22.99 50.35
CA ILE B 97 12.25 -21.59 50.39
C ILE B 97 13.70 -21.41 49.91
N ASN B 98 14.61 -22.26 50.38
CA ASN B 98 16.03 -22.16 50.02
C ASN B 98 16.25 -22.51 48.55
N THR B 99 15.49 -23.49 48.08
CA THR B 99 15.52 -23.87 46.67
C THR B 99 15.19 -22.68 45.78
N MET B 100 14.11 -21.99 46.12
CA MET B 100 13.69 -20.79 45.41
C MET B 100 14.75 -19.69 45.46
N ARG B 101 15.24 -19.38 46.65
CA ARG B 101 16.20 -18.27 46.80
C ARG B 101 17.48 -18.54 46.01
N LYS B 102 17.98 -19.77 46.09
CA LYS B 102 19.25 -20.12 45.45
C LYS B 102 19.09 -20.05 43.93
N ALA B 103 17.95 -20.55 43.42
CA ALA B 103 17.65 -20.48 41.99
C ALA B 103 17.64 -19.03 41.49
N ILE B 104 16.90 -18.20 42.22
CA ILE B 104 16.78 -16.81 41.85
C ILE B 104 18.14 -16.10 41.88
N ASP B 105 18.93 -16.33 42.93
CA ASP B 105 20.29 -15.75 43.04
C ASP B 105 21.22 -16.19 41.92
N ARG B 106 21.10 -17.45 41.49
CA ARG B 106 21.95 -17.98 40.41
C ARG B 106 21.40 -17.76 38.99
N ASN B 107 20.25 -17.11 38.85
CA ASN B 107 19.55 -17.06 37.56
C ASN B 107 19.36 -18.46 36.98
N ALA B 108 18.95 -19.38 37.84
CA ALA B 108 18.67 -20.76 37.46
C ALA B 108 17.17 -20.90 37.46
N GLU B 109 16.65 -21.60 36.44
CA GLU B 109 15.24 -21.89 36.33
C GLU B 109 14.89 -22.85 37.45
N VAL B 110 13.71 -22.70 38.02
CA VAL B 110 13.27 -23.62 39.06
C VAL B 110 11.76 -23.82 39.02
N GLN B 111 11.33 -24.96 39.54
CA GLN B 111 9.93 -25.30 39.58
C GLN B 111 9.72 -25.98 40.91
N VAL B 112 8.79 -25.44 41.70
CA VAL B 112 8.49 -25.98 43.03
C VAL B 112 6.99 -25.99 43.21
N GLU B 113 6.58 -26.67 44.26
CA GLU B 113 5.22 -26.66 44.75
C GLU B 113 5.30 -26.02 46.12
N VAL B 114 4.51 -24.97 46.33
CA VAL B 114 4.59 -24.20 47.57
C VAL B 114 3.20 -23.90 48.05
N VAL B 115 3.02 -24.00 49.37
CA VAL B 115 1.76 -23.62 50.00
C VAL B 115 1.71 -22.11 50.07
N ASN B 116 0.63 -21.55 49.55
CA ASN B 116 0.43 -20.12 49.52
C ASN B 116 -0.98 -19.84 50.06
N PHE B 117 -1.27 -18.57 50.32
CA PHE B 117 -2.57 -18.12 50.83
C PHE B 117 -3.10 -16.92 50.10
N LYS B 118 -4.40 -16.97 49.76
CA LYS B 118 -5.08 -15.83 49.12
C LYS B 118 -5.29 -14.71 50.13
N LYS B 119 -5.69 -13.55 49.65
CA LYS B 119 -5.92 -12.40 50.53
C LYS B 119 -6.92 -12.70 51.63
N ASN B 120 -7.96 -13.46 51.28
CA ASN B 120 -8.97 -13.89 52.24
C ASN B 120 -8.50 -15.01 53.19
N GLY B 121 -7.24 -15.44 53.07
CA GLY B 121 -6.68 -16.44 53.98
C GLY B 121 -6.80 -17.86 53.45
N GLN B 122 -7.54 -18.07 52.36
CA GLN B 122 -7.71 -19.42 51.80
C GLN B 122 -6.37 -19.98 51.33
N ARG B 123 -6.05 -21.16 51.87
CA ARG B 123 -4.84 -21.90 51.53
C ARG B 123 -4.99 -22.46 50.12
N PHE B 124 -3.93 -22.36 49.31
CA PHE B 124 -3.88 -23.11 48.04
C PHE B 124 -2.47 -23.62 47.80
N VAL B 125 -2.35 -24.67 46.98
CA VAL B 125 -1.04 -25.20 46.60
C VAL B 125 -0.69 -24.59 45.24
N ASN B 126 0.49 -23.99 45.17
CA ASN B 126 0.92 -23.19 44.03
C ASN B 126 2.02 -23.97 43.34
N PHE B 127 1.77 -24.41 42.12
CA PHE B 127 2.80 -25.03 41.30
C PHE B 127 3.48 -23.90 40.52
N LEU B 128 4.69 -23.56 40.97
CA LEU B 128 5.36 -22.29 40.69
C LEU B 128 6.58 -22.55 39.82
N THR B 129 6.69 -21.83 38.71
CA THR B 129 7.87 -21.89 37.83
C THR B 129 8.44 -20.48 37.74
N MET B 130 9.75 -20.35 37.94
CA MET B 130 10.41 -19.06 37.86
C MET B 130 11.51 -19.18 36.83
N ILE B 131 11.54 -18.24 35.89
CA ILE B 131 12.51 -18.25 34.78
C ILE B 131 13.13 -16.87 34.72
N PRO B 132 14.47 -16.75 34.78
CA PRO B 132 15.05 -15.43 34.58
C PRO B 132 14.96 -14.95 33.13
N VAL B 133 14.94 -13.63 32.96
CA VAL B 133 14.60 -12.98 31.71
C VAL B 133 15.66 -11.90 31.49
N ARG B 134 16.16 -11.83 30.27
CA ARG B 134 17.11 -10.81 29.85
C ARG B 134 16.39 -9.60 29.33
N ASP B 135 16.85 -8.41 29.70
CA ASP B 135 16.32 -7.18 29.10
C ASP B 135 17.10 -6.88 27.82
N GLU B 136 16.93 -5.66 27.29
CA GLU B 136 17.56 -5.22 26.07
C GLU B 136 19.10 -5.15 26.13
N THR B 137 19.67 -5.10 27.32
CA THR B 137 21.14 -5.19 27.48
C THR B 137 21.66 -6.61 27.20
N GLY B 138 20.81 -7.62 27.34
CA GLY B 138 21.24 -9.00 27.18
C GLY B 138 21.64 -9.63 28.51
N GLU B 139 21.57 -8.86 29.59
CA GLU B 139 21.81 -9.42 30.90
C GLU B 139 20.50 -9.71 31.62
N TYR B 140 20.57 -10.65 32.56
CA TYR B 140 19.43 -11.02 33.38
C TYR B 140 19.04 -9.84 34.25
N ARG B 141 17.81 -9.38 34.03
CA ARG B 141 17.25 -8.25 34.75
C ARG B 141 15.98 -8.59 35.54
N TYR B 142 15.16 -9.50 35.02
CA TYR B 142 13.88 -9.82 35.63
C TYR B 142 13.77 -11.31 35.87
N SER B 143 12.77 -11.69 36.65
CA SER B 143 12.38 -13.08 36.80
C SER B 143 10.90 -13.10 36.53
N MET B 144 10.48 -14.04 35.73
CA MET B 144 9.08 -14.19 35.44
C MET B 144 8.64 -15.46 36.14
N GLY B 145 7.58 -15.32 36.94
CA GLY B 145 6.98 -16.39 37.71
C GLY B 145 5.62 -16.79 37.14
N PHE B 146 5.38 -18.10 37.05
CA PHE B 146 4.14 -18.67 36.50
C PHE B 146 3.51 -19.49 37.61
N GLN B 147 2.30 -19.12 38.02
CA GLN B 147 1.61 -19.75 39.14
C GLN B 147 0.43 -20.58 38.64
N CYS B 148 0.24 -21.77 39.21
CA CYS B 148 -0.84 -22.68 38.87
C CYS B 148 -1.37 -23.34 40.16
N GLU B 149 -2.67 -23.19 40.42
CA GLU B 149 -3.30 -23.63 41.68
C GLU B 149 -3.56 -25.14 41.71
N THR C 3 -3.27 31.59 1.13
CA THR C 3 -2.90 31.04 -0.21
C THR C 3 -3.31 31.95 -1.38
N LEU C 4 -2.43 32.11 -2.39
CA LEU C 4 -2.78 32.83 -3.62
C LEU C 4 -3.22 31.88 -4.69
N TYR C 5 -4.17 32.32 -5.49
CA TYR C 5 -4.71 31.49 -6.56
C TYR C 5 -4.50 32.20 -7.89
N ALA C 6 -4.09 31.46 -8.92
CA ALA C 6 -3.70 32.09 -10.19
C ALA C 6 -4.91 32.77 -10.79
N PRO C 7 -4.81 34.08 -11.17
CA PRO C 7 -5.92 34.77 -11.80
C PRO C 7 -6.31 34.11 -13.11
N GLY C 8 -7.60 33.95 -13.36
CA GLY C 8 -7.97 33.16 -14.56
C GLY C 8 -7.66 31.66 -14.54
N GLY C 9 -7.12 31.10 -13.45
CA GLY C 9 -7.14 29.66 -13.22
C GLY C 9 -5.93 28.87 -13.66
N TYR C 10 -6.04 27.56 -13.55
CA TYR C 10 -4.95 26.60 -13.72
C TYR C 10 -5.15 25.82 -15.01
N ASP C 11 -4.06 25.46 -15.69
CA ASP C 11 -4.19 24.72 -16.99
C ASP C 11 -4.33 23.21 -16.71
N ILE C 12 -5.44 22.86 -16.07
CA ILE C 12 -5.71 21.50 -15.62
C ILE C 12 -5.68 20.53 -16.80
N MET C 13 -6.27 20.90 -17.94
CA MET C 13 -6.28 20.03 -19.10
C MET C 13 -4.86 19.84 -19.64
N GLY C 14 -4.09 20.91 -19.70
CA GLY C 14 -2.72 20.82 -20.17
C GLY C 14 -1.89 19.94 -19.27
N TYR C 15 -2.15 19.99 -17.97
CA TYR C 15 -1.42 19.17 -17.03
C TYR C 15 -1.83 17.71 -17.11
N LEU C 16 -3.11 17.43 -17.37
CA LEU C 16 -3.56 16.06 -17.62
C LEU C 16 -2.86 15.44 -18.82
N ILE C 17 -2.75 16.22 -19.89
CA ILE C 17 -2.07 15.78 -21.08
C ILE C 17 -0.58 15.56 -20.81
N GLN C 18 0.03 16.44 -20.04
CA GLN C 18 1.45 16.29 -19.66
C GLN C 18 1.63 14.95 -18.94
N ILE C 19 0.70 14.66 -18.03
CA ILE C 19 0.77 13.45 -17.23
C ILE C 19 0.60 12.21 -18.10
N MET C 20 -0.39 12.24 -19.00
CA MET C 20 -0.66 11.10 -19.84
C MET C 20 0.47 10.86 -20.82
N ASN C 21 1.22 11.91 -21.17
CA ASN C 21 2.34 11.82 -22.10
C ASN C 21 3.68 11.59 -21.42
N ARG C 22 3.74 11.56 -20.08
CA ARG C 22 5.03 11.51 -19.39
C ARG C 22 5.83 10.27 -19.79
N PRO C 23 7.11 10.47 -20.13
CA PRO C 23 7.91 9.45 -20.81
C PRO C 23 8.25 8.20 -19.99
N ASN C 24 8.36 8.30 -18.68
CA ASN C 24 8.67 7.12 -17.89
C ASN C 24 7.75 6.94 -16.70
N PRO C 25 6.49 6.55 -16.98
CA PRO C 25 5.51 6.41 -15.90
C PRO C 25 5.93 5.34 -14.92
N GLN C 26 5.99 5.72 -13.65
CA GLN C 26 6.34 4.81 -12.58
C GLN C 26 5.12 4.12 -11.97
N VAL C 27 3.96 4.77 -12.01
CA VAL C 27 2.69 4.16 -11.55
C VAL C 27 1.72 4.01 -12.71
N GLU C 28 0.80 3.05 -12.58
CA GLU C 28 -0.24 2.79 -13.58
C GLU C 28 -1.43 3.63 -13.19
N LEU C 29 -1.61 4.72 -13.91
CA LEU C 29 -2.75 5.61 -13.72
C LEU C 29 -3.81 5.35 -14.78
N GLY C 30 -3.36 5.08 -16.02
CA GLY C 30 -4.27 4.95 -17.17
C GLY C 30 -4.76 6.31 -17.66
N PRO C 31 -5.67 6.31 -18.66
CA PRO C 31 -6.23 7.60 -19.05
C PRO C 31 -7.12 8.22 -17.96
N VAL C 32 -7.02 9.54 -17.83
CA VAL C 32 -7.82 10.32 -16.86
C VAL C 32 -8.35 11.59 -17.53
N ASP C 33 -9.36 12.20 -16.92
CA ASP C 33 -9.89 13.47 -17.45
C ASP C 33 -10.47 14.37 -16.34
N THR C 34 -11.09 15.49 -16.72
CA THR C 34 -11.59 16.46 -15.74
C THR C 34 -12.88 16.00 -15.03
N SER C 35 -13.53 14.93 -15.54
CA SER C 35 -14.70 14.38 -14.86
C SER C 35 -14.39 13.52 -13.60
N CSX C 36 -13.09 13.22 -13.38
CA CSX C 36 -12.55 12.47 -12.25
CB CSX C 36 -11.05 12.09 -12.51
SG CSX C 36 -10.91 10.58 -13.36
C CSX C 36 -12.39 13.35 -11.03
O CSX C 36 -12.32 14.60 -11.16
OD CSX C 36 -10.51 10.76 -14.75
N ALA C 37 -12.32 12.71 -9.86
CA ALA C 37 -11.97 13.40 -8.62
C ALA C 37 -10.50 13.73 -8.70
N LEU C 38 -10.20 14.99 -8.83
CA LEU C 38 -8.81 15.42 -8.82
C LEU C 38 -8.60 16.73 -8.12
N ILE C 39 -7.37 16.96 -7.68
CA ILE C 39 -7.01 18.24 -7.12
C ILE C 39 -5.63 18.59 -7.60
N LEU C 40 -5.36 19.88 -7.61
CA LEU C 40 -4.02 20.36 -7.89
C LEU C 40 -3.54 21.12 -6.67
N CYS C 41 -2.32 20.83 -6.24
CA CYS C 41 -1.73 21.49 -5.07
C CYS C 41 -0.47 22.21 -5.50
N ASP C 42 -0.21 23.35 -4.83
CA ASP C 42 0.93 24.17 -5.20
C ASP C 42 2.12 23.82 -4.31
N LEU C 43 3.16 23.27 -4.91
CA LEU C 43 4.35 22.84 -4.17
C LEU C 43 5.19 24.00 -3.60
N LYS C 44 5.05 25.20 -4.19
CA LYS C 44 5.80 26.37 -3.80
C LYS C 44 5.01 27.38 -2.97
N GLN C 45 3.88 26.96 -2.41
CA GLN C 45 3.22 27.72 -1.36
C GLN C 45 3.26 26.92 -0.09
N LYS C 46 3.12 27.63 1.02
CA LYS C 46 3.30 27.06 2.34
C LYS C 46 2.32 25.91 2.61
N ASP C 47 2.90 24.76 2.97
CA ASP C 47 2.17 23.54 3.28
C ASP C 47 1.35 22.90 2.13
N THR C 48 1.81 23.12 0.90
CA THR C 48 1.29 22.45 -0.30
C THR C 48 -0.26 22.52 -0.40
N PRO C 49 -0.80 23.74 -0.51
CA PRO C 49 -2.25 23.93 -0.45
C PRO C 49 -2.94 23.51 -1.75
N ILE C 50 -4.18 23.09 -1.59
CA ILE C 50 -5.04 22.82 -2.71
C ILE C 50 -5.31 24.14 -3.39
N VAL C 51 -4.99 24.21 -4.68
CA VAL C 51 -5.32 25.40 -5.48
C VAL C 51 -6.44 25.13 -6.50
N TYR C 52 -6.82 23.87 -6.71
CA TYR C 52 -7.91 23.52 -7.61
C TYR C 52 -8.48 22.19 -7.15
N ALA C 53 -9.81 22.09 -7.13
CA ALA C 53 -10.51 20.83 -6.82
C ALA C 53 -11.61 20.62 -7.86
N SER C 54 -11.68 19.44 -8.47
CA SER C 54 -12.72 19.17 -9.46
C SER C 54 -14.04 18.97 -8.74
N GLU C 55 -15.10 19.15 -9.50
CA GLU C 55 -16.47 18.94 -8.95
C GLU C 55 -16.61 17.55 -8.36
N ALA C 56 -16.06 16.55 -9.05
CA ALA C 56 -16.14 15.17 -8.57
C ALA C 56 -15.42 14.96 -7.23
N PHE C 57 -14.32 15.66 -7.00
CA PHE C 57 -13.65 15.61 -5.68
C PHE C 57 -14.54 16.18 -4.58
N LEU C 58 -15.16 17.33 -4.88
CA LEU C 58 -16.01 18.00 -3.93
C LEU C 58 -17.21 17.14 -3.58
N TYR C 59 -17.76 16.48 -4.59
CA TYR C 59 -18.90 15.62 -4.40
C TYR C 59 -18.50 14.32 -3.67
N MET C 60 -17.38 13.69 -4.03
CA MET C 60 -16.90 12.48 -3.33
C MET C 60 -16.71 12.75 -1.83
N THR C 61 -16.11 13.90 -1.49
CA THR C 61 -15.76 14.20 -0.11
C THR C 61 -16.85 14.91 0.71
N GLY C 62 -17.84 15.50 0.04
CA GLY C 62 -18.88 16.27 0.70
C GLY C 62 -18.49 17.68 1.11
N TYR C 63 -17.29 18.14 0.74
CA TYR C 63 -16.82 19.49 1.05
C TYR C 63 -17.09 20.41 -0.13
N SER C 64 -17.27 21.68 0.18
CA SER C 64 -17.40 22.72 -0.82
C SER C 64 -16.03 23.27 -1.23
N ASN C 65 -16.03 23.98 -2.34
CA ASN C 65 -14.82 24.64 -2.84
C ASN C 65 -14.22 25.55 -1.78
N ALA C 66 -15.05 26.38 -1.15
CA ALA C 66 -14.64 27.26 -0.05
C ALA C 66 -14.01 26.49 1.13
N GLU C 67 -14.52 25.30 1.40
CA GLU C 67 -14.03 24.49 2.49
C GLU C 67 -12.68 23.81 2.17
N VAL C 68 -12.35 23.57 0.90
CA VAL C 68 -11.14 22.81 0.54
C VAL C 68 -9.97 23.68 0.10
N LEU C 69 -10.23 24.74 -0.66
CA LEU C 69 -9.15 25.52 -1.24
C LEU C 69 -8.28 26.12 -0.15
N GLY C 70 -6.97 26.07 -0.34
CA GLY C 70 -6.04 26.71 0.57
C GLY C 70 -5.57 25.83 1.71
N ARG C 71 -6.08 24.60 1.77
CA ARG C 71 -5.73 23.63 2.81
C ARG C 71 -4.86 22.52 2.21
N ASN C 72 -3.92 22.00 2.98
CA ASN C 72 -3.32 20.70 2.74
C ASN C 72 -4.37 19.62 2.78
N CYS C 73 -4.31 18.66 1.85
CA CYS C 73 -5.32 17.59 1.79
C CYS C 73 -5.35 16.62 2.96
N ARG C 74 -4.38 16.71 3.88
CA ARG C 74 -4.38 15.84 5.05
C ARG C 74 -5.62 15.91 5.94
N PHE C 75 -6.42 16.98 5.82
CA PHE C 75 -7.65 17.09 6.58
C PHE C 75 -8.65 15.93 6.34
N LEU C 76 -8.56 15.32 5.16
CA LEU C 76 -9.35 14.12 4.85
C LEU C 76 -9.05 12.90 5.74
N GLN C 77 -7.92 12.92 6.47
CA GLN C 77 -7.49 11.79 7.27
C GLN C 77 -8.20 11.67 8.63
N SER C 78 -8.98 12.69 9.00
CA SER C 78 -9.82 12.65 10.21
C SER C 78 -11.29 12.98 9.91
N PRO C 79 -12.23 12.33 10.64
CA PRO C 79 -13.64 12.67 10.46
C PRO C 79 -14.03 14.03 11.02
N ASP C 80 -13.16 14.68 11.78
CA ASP C 80 -13.22 16.09 12.16
C ASP C 80 -12.75 17.09 11.11
N GLY C 81 -12.03 16.60 10.11
CA GLY C 81 -11.27 17.48 9.22
C GLY C 81 -10.14 18.25 9.94
N MET C 82 -9.61 17.72 11.05
CA MET C 82 -8.57 18.38 11.85
C MET C 82 -7.39 17.44 12.04
N VAL C 83 -6.27 17.77 11.39
CA VAL C 83 -5.08 16.94 11.34
C VAL C 83 -3.83 17.85 11.32
N LYS C 84 -3.01 17.78 12.37
CA LYS C 84 -1.78 18.59 12.45
C LYS C 84 -0.69 17.85 11.70
N PRO C 85 0.18 18.58 10.98
CA PRO C 85 1.33 17.91 10.34
C PRO C 85 2.26 17.36 11.40
N LYS C 86 2.98 16.29 11.08
CA LYS C 86 3.90 15.62 12.04
C LYS C 86 3.20 14.85 13.17
N SER C 87 1.87 15.02 13.32
CA SER C 87 1.07 14.29 14.32
C SER C 87 1.03 12.85 13.87
N THR C 88 1.02 11.94 14.84
CA THR C 88 0.68 10.53 14.55
C THR C 88 -0.86 10.50 14.29
N ARG C 89 -1.25 9.88 13.17
CA ARG C 89 -2.64 9.78 12.76
C ARG C 89 -3.33 8.65 13.51
N LYS C 90 -4.56 8.91 13.92
CA LYS C 90 -5.39 7.90 14.55
C LYS C 90 -5.84 6.83 13.56
N TYR C 91 -6.14 7.22 12.31
CA TYR C 91 -6.82 6.33 11.33
C TYR C 91 -6.01 5.93 10.11
N VAL C 92 -4.78 6.43 10.03
CA VAL C 92 -3.88 6.14 8.90
C VAL C 92 -2.57 5.70 9.48
N ASP C 93 -1.99 4.64 8.92
CA ASP C 93 -0.70 4.15 9.41
C ASP C 93 0.44 5.10 8.98
N SER C 94 1.44 5.20 9.85
CA SER C 94 2.56 6.13 9.67
C SER C 94 3.32 5.92 8.38
N ASN C 95 3.50 4.66 8.02
CA ASN C 95 4.29 4.33 6.85
C ASN C 95 3.66 4.93 5.59
N THR C 96 2.33 4.82 5.49
CA THR C 96 1.62 5.40 4.35
C THR C 96 1.75 6.92 4.30
N ILE C 97 1.59 7.56 5.44
CA ILE C 97 1.75 9.00 5.56
C ILE C 97 3.18 9.41 5.12
N ASN C 98 4.17 8.68 5.62
CA ASN C 98 5.58 9.01 5.32
C ASN C 98 5.90 8.77 3.87
N THR C 99 5.31 7.70 3.33
CA THR C 99 5.45 7.38 1.91
C THR C 99 4.97 8.54 1.05
N MET C 100 3.79 9.06 1.36
CA MET C 100 3.21 10.18 0.65
C MET C 100 4.09 11.43 0.76
N ARG C 101 4.48 11.78 1.99
CA ARG C 101 5.26 13.01 2.17
C ARG C 101 6.59 12.96 1.43
N LYS C 102 7.26 11.82 1.51
CA LYS C 102 8.59 11.66 0.90
C LYS C 102 8.48 11.71 -0.60
N ALA C 103 7.46 11.05 -1.16
CA ALA C 103 7.19 11.11 -2.61
C ALA C 103 7.00 12.54 -3.10
N ILE C 104 6.13 13.26 -2.40
CA ILE C 104 5.84 14.63 -2.75
C ILE C 104 7.10 15.51 -2.67
N ASP C 105 7.87 15.37 -1.59
CA ASP C 105 9.13 16.11 -1.42
C ASP C 105 10.17 15.80 -2.49
N ARG C 106 10.22 14.56 -2.94
CA ARG C 106 11.16 14.14 -4.01
C ARG C 106 10.63 14.33 -5.44
N ASN C 107 9.41 14.84 -5.61
CA ASN C 107 8.74 14.83 -6.91
C ASN C 107 8.75 13.44 -7.53
N ALA C 108 8.44 12.45 -6.71
CA ALA C 108 8.30 11.07 -7.15
C ALA C 108 6.81 10.75 -7.19
N GLU C 109 6.40 10.05 -8.23
CA GLU C 109 5.03 9.57 -8.38
C GLU C 109 4.78 8.54 -7.30
N VAL C 110 3.58 8.52 -6.75
CA VAL C 110 3.22 7.55 -5.73
C VAL C 110 1.74 7.19 -5.82
N GLN C 111 1.40 6.03 -5.31
CA GLN C 111 0.06 5.50 -5.33
C GLN C 111 -0.11 4.76 -4.02
N VAL C 112 -1.12 5.15 -3.24
CA VAL C 112 -1.42 4.54 -1.96
C VAL C 112 -2.90 4.34 -1.84
N GLU C 113 -3.26 3.56 -0.83
CA GLU C 113 -4.63 3.40 -0.38
C GLU C 113 -4.64 3.98 1.03
N VAL C 114 -5.58 4.90 1.28
CA VAL C 114 -5.62 5.61 2.53
C VAL C 114 -7.05 5.73 3.00
N VAL C 115 -7.25 5.53 4.30
CA VAL C 115 -8.56 5.77 4.91
C VAL C 115 -8.75 7.28 5.02
N ASN C 116 -9.88 7.74 4.50
CA ASN C 116 -10.24 9.13 4.51
C ASN C 116 -11.66 9.23 5.02
N PHE C 117 -12.09 10.46 5.33
CA PHE C 117 -13.45 10.73 5.82
C PHE C 117 -14.11 11.89 5.11
N LYS C 118 -15.38 11.69 4.75
CA LYS C 118 -16.22 12.73 4.17
C LYS C 118 -16.56 13.77 5.22
N LYS C 119 -17.09 14.91 4.78
CA LYS C 119 -17.43 15.98 5.69
C LYS C 119 -18.45 15.53 6.75
N ASN C 120 -19.39 14.67 6.34
CA ASN C 120 -20.36 14.11 7.27
C ASN C 120 -19.79 13.01 8.18
N GLY C 121 -18.49 12.72 8.08
CA GLY C 121 -17.84 11.77 8.97
C GLY C 121 -17.77 10.38 8.39
N GLN C 122 -18.47 10.11 7.27
CA GLN C 122 -18.43 8.79 6.65
C GLN C 122 -17.04 8.42 6.18
N ARG C 123 -16.58 7.29 6.66
CA ARG C 123 -15.29 6.70 6.32
C ARG C 123 -15.35 6.19 4.88
N PHE C 124 -14.30 6.44 4.09
CA PHE C 124 -14.14 5.76 2.80
C PHE C 124 -12.68 5.42 2.56
N VAL C 125 -12.44 4.43 1.68
CA VAL C 125 -11.07 4.06 1.30
C VAL C 125 -10.75 4.79 -0.01
N ASN C 126 -9.63 5.51 0.00
CA ASN C 126 -9.25 6.41 -1.09
C ASN C 126 -8.05 5.78 -1.77
N PHE C 127 -8.22 5.37 -3.02
CA PHE C 127 -7.11 4.91 -3.83
C PHE C 127 -6.54 6.14 -4.55
N LEU C 128 -5.39 6.58 -4.05
CA LEU C 128 -4.85 7.92 -4.28
C LEU C 128 -3.58 7.83 -5.12
N THR C 129 -3.53 8.59 -6.21
CA THR C 129 -2.32 8.70 -7.05
C THR C 129 -1.91 10.17 -7.08
N MET C 130 -0.63 10.44 -6.83
CA MET C 130 -0.12 11.79 -6.93
C MET C 130 1.01 11.82 -7.93
N ILE C 131 0.94 12.78 -8.86
CA ILE C 131 1.96 12.91 -9.92
C ILE C 131 2.41 14.36 -9.96
N PRO C 132 3.71 14.63 -9.84
CA PRO C 132 4.15 16.03 -9.97
C PRO C 132 4.05 16.55 -11.40
N VAL C 133 3.91 17.86 -11.53
CA VAL C 133 3.56 18.50 -12.81
C VAL C 133 4.49 19.69 -12.95
N ARG C 134 5.05 19.86 -14.15
CA ARG C 134 5.89 20.99 -14.48
C ARG C 134 5.05 22.12 -15.03
N ASP C 135 5.36 23.36 -14.62
CA ASP C 135 4.74 24.52 -15.24
C ASP C 135 5.54 24.93 -16.46
N GLU C 136 5.25 26.13 -16.99
CA GLU C 136 5.88 26.66 -18.18
C GLU C 136 7.40 26.90 -18.04
N THR C 137 7.89 27.02 -16.81
CA THR C 137 9.36 27.10 -16.59
C THR C 137 10.05 25.76 -16.83
N GLY C 138 9.31 24.64 -16.74
CA GLY C 138 9.91 23.32 -16.88
C GLY C 138 10.33 22.75 -15.52
N GLU C 139 10.10 23.49 -14.45
CA GLU C 139 10.31 22.97 -13.12
C GLU C 139 9.02 22.48 -12.51
N TYR C 140 9.15 21.49 -11.63
CA TYR C 140 8.03 20.94 -10.90
C TYR C 140 7.48 22.03 -10.00
N ARG C 141 6.21 22.37 -10.24
CA ARG C 141 5.51 23.42 -9.52
C ARG C 141 4.30 22.92 -8.77
N TYR C 142 3.59 21.95 -9.35
CA TYR C 142 2.33 21.46 -8.79
C TYR C 142 2.37 19.97 -8.62
N SER C 143 1.40 19.45 -7.88
CA SER C 143 1.18 18.00 -7.80
C SER C 143 -0.26 17.81 -8.08
N MET C 144 -0.56 16.86 -8.94
CA MET C 144 -1.93 16.57 -9.26
C MET C 144 -2.25 15.23 -8.62
N GLY C 145 -3.35 15.22 -7.88
CA GLY C 145 -3.81 14.07 -7.14
C GLY C 145 -5.11 13.54 -7.71
N PHE C 146 -5.20 12.21 -7.81
CA PHE C 146 -6.36 11.52 -8.40
C PHE C 146 -6.93 10.61 -7.33
N GLN C 147 -8.18 10.84 -6.95
CA GLN C 147 -8.82 10.10 -5.85
C GLN C 147 -9.88 9.18 -6.40
N CYS C 148 -9.96 7.95 -5.87
CA CYS C 148 -10.92 6.92 -6.29
C CYS C 148 -11.42 6.13 -5.07
N GLU C 149 -12.73 5.89 -4.96
CA GLU C 149 -13.34 5.41 -3.68
C GLU C 149 -13.37 3.90 -3.32
N GLY D 8 -17.66 27.72 -32.78
CA GLY D 8 -16.38 27.94 -33.54
C GLY D 8 -15.16 28.42 -32.72
N GLY D 9 -15.12 28.08 -31.45
CA GLY D 9 -13.90 28.17 -30.64
C GLY D 9 -13.57 26.75 -30.21
N TYR D 10 -12.32 26.30 -30.48
CA TYR D 10 -12.03 24.86 -30.38
C TYR D 10 -11.29 24.35 -29.14
N ASP D 11 -11.94 23.40 -28.48
CA ASP D 11 -11.42 22.80 -27.23
C ASP D 11 -10.47 21.66 -27.59
N ILE D 12 -9.33 22.03 -28.18
CA ILE D 12 -8.41 21.06 -28.73
C ILE D 12 -7.88 20.14 -27.64
N MET D 13 -7.53 20.72 -26.49
CA MET D 13 -7.01 19.92 -25.39
C MET D 13 -8.08 18.99 -24.86
N GLY D 14 -9.30 19.48 -24.72
CA GLY D 14 -10.39 18.63 -24.26
C GLY D 14 -10.65 17.47 -25.21
N TYR D 15 -10.49 17.72 -26.50
CA TYR D 15 -10.68 16.64 -27.51
C TYR D 15 -9.53 15.64 -27.48
N LEU D 16 -8.31 16.11 -27.23
CA LEU D 16 -7.18 15.19 -27.03
C LEU D 16 -7.39 14.25 -25.86
N ILE D 17 -7.86 14.81 -24.76
CA ILE D 17 -8.14 14.04 -23.57
C ILE D 17 -9.28 13.04 -23.84
N GLN D 18 -10.30 13.49 -24.56
CA GLN D 18 -11.41 12.61 -24.90
C GLN D 18 -10.89 11.42 -25.72
N ILE D 19 -10.00 11.70 -26.67
CA ILE D 19 -9.42 10.68 -27.52
C ILE D 19 -8.59 9.70 -26.72
N MET D 20 -7.73 10.22 -25.85
CA MET D 20 -6.87 9.35 -25.07
C MET D 20 -7.67 8.51 -24.09
N ASN D 21 -8.84 8.99 -23.67
CA ASN D 21 -9.70 8.26 -22.75
C ASN D 21 -10.74 7.37 -23.42
N ARG D 22 -10.83 7.37 -24.77
CA ARG D 22 -11.92 6.70 -25.45
C ARG D 22 -11.93 5.20 -25.11
N PRO D 23 -13.11 4.67 -24.77
CA PRO D 23 -13.25 3.37 -24.13
C PRO D 23 -12.87 2.15 -24.98
N ASN D 24 -13.05 2.21 -26.30
CA ASN D 24 -12.70 1.02 -27.10
C ASN D 24 -11.85 1.39 -28.31
N PRO D 25 -10.57 1.75 -28.05
CA PRO D 25 -9.70 2.21 -29.12
C PRO D 25 -9.48 1.10 -30.15
N GLN D 26 -9.76 1.42 -31.40
CA GLN D 26 -9.60 0.50 -32.50
C GLN D 26 -8.22 0.60 -33.14
N VAL D 27 -7.58 1.78 -33.08
CA VAL D 27 -6.21 1.95 -33.54
C VAL D 27 -5.28 2.28 -32.37
N GLU D 28 -3.99 1.98 -32.55
CA GLU D 28 -2.95 2.33 -31.59
C GLU D 28 -2.41 3.70 -32.00
N LEU D 29 -2.84 4.69 -31.24
CA LEU D 29 -2.39 6.06 -31.42
C LEU D 29 -1.30 6.39 -30.39
N GLY D 30 -1.47 5.90 -29.17
CA GLY D 30 -0.57 6.23 -28.07
C GLY D 30 -0.88 7.61 -27.50
N PRO D 31 -0.06 8.07 -26.54
CA PRO D 31 -0.28 9.43 -26.07
C PRO D 31 0.04 10.50 -27.12
N VAL D 32 -0.79 11.54 -27.16
CA VAL D 32 -0.62 12.66 -28.07
C VAL D 32 -0.81 13.99 -27.33
N ASP D 33 -0.30 15.08 -27.90
CA ASP D 33 -0.52 16.41 -27.34
C ASP D 33 -0.52 17.50 -28.42
N THR D 34 -0.56 18.78 -28.01
CA THR D 34 -0.63 19.92 -28.95
C THR D 34 0.68 20.18 -29.70
N SER D 35 1.79 19.59 -29.25
CA SER D 35 3.06 19.70 -29.97
C SER D 35 3.17 18.83 -31.26
N CSX D 36 2.19 17.95 -31.47
CA CSX D 36 2.01 17.07 -32.65
CB CSX D 36 0.91 15.99 -32.36
SG CSX D 36 1.50 14.57 -31.64
C CSX D 36 1.44 17.81 -33.82
O CSX D 36 0.72 18.81 -33.63
OD CSX D 36 1.37 14.52 -30.15
N ALA D 37 1.70 17.29 -35.01
CA ALA D 37 0.98 17.74 -36.23
C ALA D 37 -0.43 17.21 -36.13
N LEU D 38 -1.38 18.10 -35.93
CA LEU D 38 -2.77 17.69 -35.92
C LEU D 38 -3.69 18.74 -36.54
N ILE D 39 -4.86 18.28 -36.96
CA ILE D 39 -5.89 19.18 -37.46
C ILE D 39 -7.22 18.69 -36.98
N LEU D 40 -8.17 19.61 -36.93
CA LEU D 40 -9.53 19.29 -36.59
C LEU D 40 -10.40 19.73 -37.74
N CYS D 41 -11.28 18.85 -38.20
CA CYS D 41 -12.18 19.12 -39.31
C CYS D 41 -13.61 19.00 -38.85
N ASP D 42 -14.49 19.80 -39.43
CA ASP D 42 -15.89 19.86 -39.01
C ASP D 42 -16.73 18.96 -39.90
N LEU D 43 -17.25 17.88 -39.32
CA LEU D 43 -18.04 16.89 -40.07
C LEU D 43 -19.42 17.42 -40.53
N LYS D 44 -19.93 18.46 -39.86
CA LYS D 44 -21.24 19.02 -40.16
C LYS D 44 -21.19 20.33 -40.93
N GLN D 45 -20.04 20.64 -41.53
CA GLN D 45 -19.99 21.67 -42.56
C GLN D 45 -19.63 20.98 -43.87
N LYS D 46 -20.03 21.65 -44.94
CA LYS D 46 -19.92 21.08 -46.29
C LYS D 46 -18.45 20.77 -46.66
N ASP D 47 -18.23 19.50 -47.05
CA ASP D 47 -16.94 18.99 -47.47
C ASP D 47 -15.86 18.90 -46.36
N THR D 48 -16.30 18.77 -45.11
CA THR D 48 -15.46 18.45 -43.96
C THR D 48 -14.21 19.35 -43.87
N PRO D 49 -14.42 20.66 -43.69
CA PRO D 49 -13.32 21.63 -43.73
C PRO D 49 -12.46 21.62 -42.49
N ILE D 50 -11.17 21.93 -42.68
CA ILE D 50 -10.25 22.13 -41.58
C ILE D 50 -10.71 23.34 -40.84
N VAL D 51 -10.94 23.20 -39.54
CA VAL D 51 -11.24 24.34 -38.69
C VAL D 51 -10.15 24.65 -37.67
N TYR D 52 -9.12 23.79 -37.54
CA TYR D 52 -7.98 24.08 -36.68
C TYR D 52 -6.79 23.30 -37.20
N ALA D 53 -5.60 23.92 -37.21
CA ALA D 53 -4.36 23.26 -37.58
C ALA D 53 -3.28 23.63 -36.55
N SER D 54 -2.56 22.64 -36.01
CA SER D 54 -1.51 22.91 -35.02
C SER D 54 -0.31 23.52 -35.76
N GLU D 55 0.52 24.19 -35.00
CA GLU D 55 1.75 24.78 -35.52
C GLU D 55 2.60 23.75 -36.23
N ALA D 56 2.71 22.56 -35.61
CA ALA D 56 3.51 21.50 -36.20
C ALA D 56 2.95 21.02 -37.57
N PHE D 57 1.62 20.99 -37.72
CA PHE D 57 1.04 20.66 -39.03
C PHE D 57 1.40 21.71 -40.11
N LEU D 58 1.29 22.99 -39.73
CA LEU D 58 1.57 24.08 -40.65
C LEU D 58 3.03 24.04 -41.07
N TYR D 59 3.90 23.72 -40.11
CA TYR D 59 5.30 23.65 -40.40
C TYR D 59 5.68 22.40 -41.21
N MET D 60 5.11 21.24 -40.87
CA MET D 60 5.33 20.00 -41.65
C MET D 60 4.96 20.20 -43.12
N THR D 61 3.80 20.84 -43.37
CA THR D 61 3.26 20.97 -44.72
C THR D 61 3.74 22.18 -45.50
N GLY D 62 4.27 23.19 -44.80
CA GLY D 62 4.70 24.45 -45.44
C GLY D 62 3.59 25.42 -45.75
N TYR D 63 2.36 25.14 -45.32
CA TYR D 63 1.21 26.03 -45.52
C TYR D 63 0.99 26.88 -44.29
N SER D 64 0.42 28.05 -44.52
CA SER D 64 -0.02 28.94 -43.45
C SER D 64 -1.43 28.62 -43.01
N ASN D 65 -1.78 29.15 -41.83
CA ASN D 65 -3.12 29.01 -41.28
C ASN D 65 -4.17 29.51 -42.28
N ALA D 66 -3.94 30.69 -42.84
CA ALA D 66 -4.82 31.26 -43.88
C ALA D 66 -4.97 30.35 -45.11
N GLU D 67 -3.91 29.66 -45.47
CA GLU D 67 -3.92 28.76 -46.61
C GLU D 67 -4.66 27.45 -46.34
N VAL D 68 -4.76 27.01 -45.09
CA VAL D 68 -5.37 25.68 -44.81
C VAL D 68 -6.81 25.74 -44.32
N LEU D 69 -7.14 26.74 -43.50
CA LEU D 69 -8.44 26.81 -42.88
C LEU D 69 -9.55 26.89 -43.91
N GLY D 70 -10.61 26.12 -43.70
CA GLY D 70 -11.77 26.16 -44.56
C GLY D 70 -11.71 25.23 -45.76
N ARG D 71 -10.61 24.49 -45.91
CA ARG D 71 -10.41 23.55 -47.03
C ARG D 71 -10.50 22.12 -46.52
N ASN D 72 -11.00 21.21 -47.37
CA ASN D 72 -10.80 19.77 -47.14
C ASN D 72 -9.32 19.47 -47.26
N CYS D 73 -8.79 18.61 -46.39
CA CYS D 73 -7.38 18.26 -46.36
C CYS D 73 -6.87 17.51 -47.60
N ARG D 74 -7.74 17.11 -48.51
CA ARG D 74 -7.33 16.40 -49.72
C ARG D 74 -6.34 17.17 -50.62
N PHE D 75 -6.25 18.48 -50.47
CA PHE D 75 -5.28 19.28 -51.21
C PHE D 75 -3.82 18.84 -51.01
N LEU D 76 -3.53 18.23 -49.87
CA LEU D 76 -2.22 17.60 -49.63
C LEU D 76 -1.87 16.42 -50.59
N GLN D 77 -2.85 15.89 -51.31
CA GLN D 77 -2.64 14.72 -52.17
C GLN D 77 -2.04 15.08 -53.55
N SER D 78 -1.93 16.38 -53.85
CA SER D 78 -1.24 16.84 -55.07
C SER D 78 -0.15 17.86 -54.79
N PRO D 79 0.96 17.82 -55.58
CA PRO D 79 2.00 18.82 -55.43
C PRO D 79 1.61 20.21 -55.94
N ASP D 80 0.49 20.35 -56.65
CA ASP D 80 -0.08 21.71 -56.89
C ASP D 80 -1.08 22.17 -55.84
N GLY D 81 -1.39 21.35 -54.83
CA GLY D 81 -2.45 21.65 -53.88
C GLY D 81 -3.84 21.78 -54.46
N MET D 82 -4.10 21.09 -55.57
CA MET D 82 -5.39 21.19 -56.31
C MET D 82 -5.88 19.77 -56.55
N VAL D 83 -6.98 19.41 -55.86
CA VAL D 83 -7.56 18.07 -55.89
C VAL D 83 -9.09 18.19 -55.80
N LYS D 84 -9.80 17.80 -56.86
CA LYS D 84 -11.26 17.83 -56.89
C LYS D 84 -11.78 16.59 -56.18
N PRO D 85 -12.90 16.71 -55.42
CA PRO D 85 -13.51 15.51 -54.86
C PRO D 85 -14.04 14.60 -55.96
N LYS D 86 -14.08 13.30 -55.68
CA LYS D 86 -14.52 12.29 -56.67
C LYS D 86 -13.55 12.06 -57.85
N SER D 87 -12.52 12.92 -57.99
CA SER D 87 -11.49 12.78 -59.02
C SER D 87 -10.67 11.57 -58.65
N THR D 88 -10.21 10.85 -59.66
CA THR D 88 -9.19 9.82 -59.45
C THR D 88 -7.85 10.56 -59.19
N ARG D 89 -7.18 10.17 -58.10
CA ARG D 89 -5.90 10.77 -57.71
C ARG D 89 -4.77 10.20 -58.53
N LYS D 90 -3.87 11.09 -58.93
CA LYS D 90 -2.72 10.68 -59.72
C LYS D 90 -1.69 9.99 -58.82
N TYR D 91 -1.54 10.45 -57.55
CA TYR D 91 -0.42 10.02 -56.66
C TYR D 91 -0.85 9.26 -55.42
N VAL D 92 -2.14 9.03 -55.25
CA VAL D 92 -2.66 8.24 -54.14
C VAL D 92 -3.54 7.15 -54.73
N ASP D 93 -3.37 5.94 -54.22
CA ASP D 93 -4.16 4.81 -54.71
C ASP D 93 -5.59 4.90 -54.20
N SER D 94 -6.52 4.43 -55.03
CA SER D 94 -7.95 4.54 -54.74
C SER D 94 -8.36 3.88 -53.46
N ASN D 95 -7.77 2.74 -53.17
CA ASN D 95 -8.17 1.98 -51.99
C ASN D 95 -7.91 2.80 -50.73
N THR D 96 -6.76 3.47 -50.66
CA THR D 96 -6.44 4.33 -49.52
C THR D 96 -7.44 5.48 -49.37
N ILE D 97 -7.74 6.14 -50.50
CA ILE D 97 -8.72 7.22 -50.52
C ILE D 97 -10.09 6.69 -50.04
N ASN D 98 -10.51 5.54 -50.54
CA ASN D 98 -11.80 4.96 -50.18
C ASN D 98 -11.84 4.52 -48.73
N THR D 99 -10.73 3.99 -48.26
CA THR D 99 -10.58 3.62 -46.85
C THR D 99 -10.83 4.82 -45.95
N MET D 100 -10.18 5.92 -46.27
CA MET D 100 -10.36 7.17 -45.53
C MET D 100 -11.80 7.67 -45.58
N ARG D 101 -12.37 7.74 -46.77
CA ARG D 101 -13.73 8.29 -46.91
C ARG D 101 -14.75 7.47 -46.13
N LYS D 102 -14.64 6.14 -46.23
CA LYS D 102 -15.62 5.26 -45.60
C LYS D 102 -15.51 5.36 -44.08
N ALA D 103 -14.26 5.41 -43.57
CA ALA D 103 -14.03 5.59 -42.14
C ALA D 103 -14.66 6.88 -41.61
N ILE D 104 -14.38 7.96 -42.31
CA ILE D 104 -14.90 9.27 -41.93
C ILE D 104 -16.43 9.28 -41.95
N ASP D 105 -17.03 8.73 -43.01
CA ASP D 105 -18.50 8.64 -43.11
C ASP D 105 -19.14 7.80 -42.00
N ARG D 106 -18.46 6.73 -41.59
CA ARG D 106 -18.97 5.85 -40.53
C ARG D 106 -18.56 6.27 -39.10
N ASN D 107 -17.83 7.39 -38.94
CA ASN D 107 -17.21 7.71 -37.65
C ASN D 107 -16.41 6.53 -37.10
N ALA D 108 -15.63 5.91 -37.98
CA ALA D 108 -14.78 4.80 -37.62
C ALA D 108 -13.36 5.32 -37.62
N GLU D 109 -12.59 4.91 -36.60
CA GLU D 109 -11.19 5.30 -36.47
C GLU D 109 -10.44 4.62 -37.59
N VAL D 110 -9.46 5.31 -38.15
CA VAL D 110 -8.68 4.71 -39.22
C VAL D 110 -7.24 5.20 -39.19
N GLN D 111 -6.34 4.39 -39.73
CA GLN D 111 -4.94 4.69 -39.77
C GLN D 111 -4.46 4.21 -41.12
N VAL D 112 -3.88 5.12 -41.90
CA VAL D 112 -3.38 4.79 -43.23
C VAL D 112 -2.04 5.46 -43.42
N GLU D 113 -1.38 5.07 -44.49
CA GLU D 113 -0.19 5.74 -45.00
C GLU D 113 -0.56 6.30 -46.34
N VAL D 114 -0.38 7.60 -46.52
CA VAL D 114 -0.80 8.29 -47.72
C VAL D 114 0.30 9.20 -48.21
N VAL D 115 0.51 9.21 -49.53
CA VAL D 115 1.48 10.11 -50.14
C VAL D 115 0.87 11.48 -50.18
N ASN D 116 1.60 12.45 -49.65
CA ASN D 116 1.16 13.82 -49.58
C ASN D 116 2.31 14.69 -50.09
N PHE D 117 1.99 15.97 -50.34
CA PHE D 117 2.97 16.95 -50.83
C PHE D 117 2.92 18.26 -50.06
N LYS D 118 4.10 18.76 -49.71
CA LYS D 118 4.22 20.09 -49.08
C LYS D 118 3.88 21.20 -50.05
N LYS D 119 3.75 22.42 -49.55
CA LYS D 119 3.42 23.56 -50.41
C LYS D 119 4.46 23.77 -51.50
N ASN D 120 5.72 23.52 -51.17
CA ASN D 120 6.80 23.60 -52.14
C ASN D 120 6.88 22.41 -53.09
N GLY D 121 5.94 21.46 -52.98
CA GLY D 121 5.89 20.33 -53.90
C GLY D 121 6.62 19.11 -53.40
N GLN D 122 7.39 19.22 -52.31
CA GLN D 122 8.14 18.08 -51.78
C GLN D 122 7.20 16.97 -51.33
N ARG D 123 7.44 15.80 -51.88
CA ARG D 123 6.69 14.58 -51.56
C ARG D 123 7.05 14.11 -50.17
N PHE D 124 6.06 13.71 -49.37
CA PHE D 124 6.34 12.97 -48.13
C PHE D 124 5.30 11.90 -47.92
N VAL D 125 5.64 10.87 -47.16
CA VAL D 125 4.70 9.80 -46.79
C VAL D 125 4.14 10.16 -45.41
N ASN D 126 2.82 10.20 -45.32
CA ASN D 126 2.10 10.71 -44.16
C ASN D 126 1.46 9.50 -43.50
N PHE D 127 1.90 9.19 -42.27
CA PHE D 127 1.27 8.16 -41.48
C PHE D 127 0.17 8.85 -40.66
N LEU D 128 -1.07 8.62 -41.11
CA LEU D 128 -2.22 9.44 -40.80
C LEU D 128 -3.20 8.64 -39.94
N THR D 129 -3.60 9.23 -38.80
CA THR D 129 -4.62 8.64 -37.94
C THR D 129 -5.76 9.63 -37.83
N MET D 130 -6.99 9.16 -38.05
CA MET D 130 -8.15 10.01 -37.92
C MET D 130 -9.07 9.40 -36.90
N ILE D 131 -9.52 10.22 -35.94
CA ILE D 131 -10.38 9.75 -34.84
C ILE D 131 -11.55 10.71 -34.77
N PRO D 132 -12.80 10.21 -34.83
CA PRO D 132 -13.92 11.13 -34.63
C PRO D 132 -14.04 11.59 -33.17
N VAL D 133 -14.63 12.76 -32.98
CA VAL D 133 -14.59 13.49 -31.73
C VAL D 133 -16.00 13.97 -31.48
N ARG D 134 -16.47 13.77 -30.25
CA ARG D 134 -17.77 14.26 -29.81
C ARG D 134 -17.66 15.64 -29.27
N ASP D 135 -18.60 16.53 -29.62
CA ASP D 135 -18.66 17.84 -28.99
C ASP D 135 -19.48 17.76 -27.71
N GLU D 136 -19.86 18.92 -27.18
CA GLU D 136 -20.62 19.02 -25.94
C GLU D 136 -22.03 18.40 -26.00
N THR D 137 -22.57 18.20 -27.19
CA THR D 137 -23.85 17.47 -27.35
C THR D 137 -23.68 15.96 -27.09
N GLY D 138 -22.45 15.43 -27.25
CA GLY D 138 -22.21 14.01 -27.11
C GLY D 138 -22.31 13.28 -28.43
N GLU D 139 -22.61 14.01 -29.51
CA GLU D 139 -22.61 13.41 -30.83
C GLU D 139 -21.31 13.74 -31.56
N TYR D 140 -20.96 12.87 -32.51
CA TYR D 140 -19.78 13.08 -33.35
C TYR D 140 -19.98 14.31 -34.19
N ARG D 141 -19.09 15.27 -33.99
CA ARG D 141 -19.11 16.55 -34.68
C ARG D 141 -17.85 16.83 -35.48
N TYR D 142 -16.69 16.38 -34.98
CA TYR D 142 -15.41 16.69 -35.59
C TYR D 142 -14.64 15.41 -35.85
N SER D 143 -13.57 15.55 -36.63
CA SER D 143 -12.60 14.48 -36.79
C SER D 143 -11.27 15.12 -36.51
N MET D 144 -10.47 14.45 -35.72
CA MET D 144 -9.15 14.95 -35.43
C MET D 144 -8.19 14.02 -36.15
N GLY D 145 -7.30 14.63 -36.95
CA GLY D 145 -6.30 13.93 -37.72
C GLY D 145 -4.90 14.19 -37.15
N PHE D 146 -4.08 13.13 -37.08
CA PHE D 146 -2.72 13.17 -36.54
C PHE D 146 -1.81 12.73 -37.67
N GLN D 147 -0.89 13.62 -38.08
CA GLN D 147 -0.01 13.38 -39.21
C GLN D 147 1.42 13.16 -38.72
N CYS D 148 2.12 12.19 -39.31
CA CYS D 148 3.51 11.84 -38.98
C CYS D 148 4.26 11.52 -40.29
N GLU D 149 5.35 12.23 -40.55
CA GLU D 149 6.09 12.13 -41.83
C GLU D 149 6.99 10.89 -41.91
N1 FMN E . 5.05 -17.77 -1.54
C2 FMN E . 6.38 -17.84 -1.81
O2 FMN E . 6.77 -18.33 -2.87
N3 FMN E . 7.31 -17.42 -0.87
C4 FMN E . 7.03 -16.92 0.39
O4 FMN E . 7.95 -16.58 1.15
C4A FMN E . 5.60 -16.88 0.70
N5 FMN E . 5.24 -16.48 1.88
C5A FMN E . 3.87 -16.44 2.16
C6 FMN E . 3.45 -16.05 3.43
C7 FMN E . 2.10 -16.01 3.76
C7M FMN E . 1.69 -15.70 5.18
C8 FMN E . 1.14 -16.33 2.79
C8M FMN E . -0.34 -16.21 3.09
C9 FMN E . 1.55 -16.73 1.52
C9A FMN E . 2.90 -16.81 1.20
N10 FMN E . 3.35 -17.29 -0.04
C10 FMN E . 4.69 -17.33 -0.34
C1' FMN E . 2.43 -17.98 -0.97
C2' FMN E . 1.87 -17.10 -2.07
O2' FMN E . 1.54 -15.81 -1.56
C3' FMN E . 0.62 -17.71 -2.70
O3' FMN E . -0.32 -18.01 -1.68
C4' FMN E . 0.87 -18.98 -3.51
O4' FMN E . 1.55 -18.65 -4.72
C5' FMN E . -0.39 -19.76 -3.79
O5' FMN E . -1.46 -18.87 -4.19
P FMN E . -1.62 -18.52 -5.77
O1P FMN E . -1.99 -19.80 -6.44
O2P FMN E . -2.61 -17.45 -5.73
O3P FMN E . -0.33 -17.97 -6.24
N1 FMN F . 6.88 -17.19 46.37
C2 FMN F . 5.65 -17.73 46.64
O2 FMN F . 5.41 -18.25 47.73
N3 FMN F . 4.65 -17.71 45.65
C4 FMN F . 4.77 -17.17 44.37
O4 FMN F . 3.81 -17.17 43.60
C4A FMN F . 6.10 -16.60 44.11
N5 FMN F . 6.33 -16.10 42.92
C5A FMN F . 7.60 -15.58 42.66
C6 FMN F . 7.85 -15.02 41.42
C7 FMN F . 9.07 -14.41 41.13
C7M FMN F . 9.31 -13.85 39.76
C8 FMN F . 10.06 -14.35 42.13
C8M FMN F . 11.37 -13.63 41.90
C9 FMN F . 9.82 -14.92 43.38
C9A FMN F . 8.60 -15.56 43.65
N10 FMN F . 8.33 -16.16 44.90
C10 FMN F . 7.09 -16.67 45.18
C1' FMN F . 9.42 -16.46 45.84
C2' FMN F . 9.56 -15.43 46.94
O2' FMN F . 9.40 -14.11 46.40
C3' FMN F . 10.93 -15.54 47.61
O3' FMN F . 11.92 -15.32 46.61
C4' FMN F . 11.18 -16.88 48.30
O4' FMN F . 10.35 -17.01 49.45
C5' FMN F . 12.64 -17.13 48.61
O5' FMN F . 13.31 -15.91 49.05
P FMN F . 13.25 -15.55 50.61
O1P FMN F . 13.90 -16.62 51.42
O2P FMN F . 13.91 -14.18 50.73
O3P FMN F . 11.78 -15.37 50.95
N1 FMN G . -3.94 12.71 1.53
C2 FMN G . -5.09 12.06 1.80
O2 FMN G . -5.27 11.53 2.92
N3 FMN G . -6.09 12.03 0.85
C4 FMN G . -6.05 12.64 -0.40
O4 FMN G . -7.03 12.60 -1.15
C4A FMN G . -4.83 13.33 -0.67
N5 FMN G . -4.69 13.90 -1.83
C5A FMN G . -3.53 14.61 -2.07
C6 FMN G . -3.36 15.24 -3.30
C7 FMN G . -2.20 15.97 -3.57
C7M FMN G . -2.02 16.57 -4.95
C8 FMN G . -1.21 16.11 -2.58
C8M FMN G . 0.05 16.88 -2.85
C9 FMN G . -1.38 15.47 -1.35
C9A FMN G . -2.52 14.72 -1.09
N10 FMN G . -2.68 14.01 0.12
C10 FMN G . -3.83 13.31 0.38
C1' FMN G . -1.58 13.84 1.07
C2' FMN G . -1.52 14.90 2.17
O2' FMN G . -1.74 16.20 1.65
C3' FMN G . -0.13 14.90 2.83
O3' FMN G . 0.84 15.13 1.83
C4' FMN G . 0.21 13.60 3.56
O4' FMN G . -0.57 13.54 4.76
C5' FMN G . 1.67 13.47 3.89
O5' FMN G . 2.19 14.73 4.30
P FMN G . 2.24 15.12 5.88
O1P FMN G . 3.13 14.17 6.56
O2P FMN G . 2.68 16.55 5.81
O3P FMN G . 0.82 15.08 6.37
N1 FMN H . -5.85 13.52 -46.34
C2 FMN H . -4.53 13.72 -46.65
O2 FMN H . -4.09 13.48 -47.78
N3 FMN H . -3.65 14.20 -45.66
C4 FMN H . -3.98 14.48 -44.34
O4 FMN H . -3.11 14.79 -43.52
C4A FMN H . -5.37 14.29 -44.03
N5 FMN H . -5.79 14.61 -42.83
C5A FMN H . -7.14 14.50 -42.55
C6 FMN H . -7.59 14.84 -41.27
C7 FMN H . -8.94 14.77 -40.94
C7M FMN H . -9.36 15.08 -39.53
C8 FMN H . -9.87 14.37 -41.91
C8M FMN H . -11.35 14.30 -41.61
C9 FMN H . -9.43 14.03 -43.19
C9A FMN H . -8.06 14.06 -43.51
N10 FMN H . -7.58 13.66 -44.79
C10 FMN H . -6.24 13.80 -45.10
C1' FMN H . -8.45 12.96 -45.75
C2' FMN H . -9.12 13.86 -46.79
O2' FMN H . -9.53 15.11 -46.23
C3' FMN H . -10.34 13.18 -47.41
O3' FMN H . -11.18 12.66 -46.39
C4' FMN H . -9.97 12.07 -48.40
O4' FMN H . -9.47 12.68 -49.58
C5' FMN H . -11.12 11.12 -48.70
O5' FMN H . -12.34 11.85 -48.99
P FMN H . -12.63 12.33 -50.51
O1P FMN H . -12.86 11.12 -51.34
O2P FMN H . -13.82 13.28 -50.40
O3P FMN H . -11.47 13.18 -51.02
#